data_3HYI
#
_entry.id   3HYI
#
_cell.length_a   51.648
_cell.length_b   61.303
_cell.length_c   97.215
_cell.angle_alpha   90.00
_cell.angle_beta   90.00
_cell.angle_gamma   90.00
#
_symmetry.space_group_name_H-M   'P 21 21 21'
#
loop_
_entity.id
_entity.type
_entity.pdbx_description
1 polymer 'Protein DUF199/WhiA'
2 non-polymer GLYCEROL
3 non-polymer 'SODIUM ION'
4 water water
#
_entity_poly.entity_id   1
_entity_poly.type   'polypeptide(L)'
_entity_poly.pdbx_seq_one_letter_code
;MVSLLRRTFSEEIKEELVNVPFGSREEVISELLGFIKARGDLDVKSRHIVFSLHSFAASRRLLNLMKYLSKPVSEIIVEK
SHNIKKRYIKITAEYSESFMVIEPFFDVALFVSFLRGLFLSGGSMTNPRYHYHLEINLFEEETLALTRKSLKDFFNINAG
IIELRNTRKLYIKSIKDILVFLEAIGVQRKLEEIDRIVTERKVIGDVNRTVNFIEANAIRTANSTARQIRAIELIKENMG
LENLPEDLRRVALVRLRNKELSLRELGKKLNLTKSQIYSKLKRIIKIAERFGDVK
;
_entity_poly.pdbx_strand_id   A
#
loop_
_chem_comp.id
_chem_comp.type
_chem_comp.name
_chem_comp.formula
GOL non-polymer GLYCEROL 'C3 H8 O3'
NA non-polymer 'SODIUM ION' 'Na 1'
#
# COMPACT_ATOMS: atom_id res chain seq x y z
N ARG A 7 4.16 17.07 7.68
CA ARG A 7 3.15 16.42 8.56
C ARG A 7 2.89 14.99 8.10
N THR A 8 2.82 14.05 9.05
CA THR A 8 2.61 12.66 8.68
C THR A 8 1.20 12.51 8.14
N PHE A 9 1.04 11.55 7.23
CA PHE A 9 -0.23 11.24 6.61
C PHE A 9 -1.29 10.89 7.66
N SER A 10 -0.85 10.17 8.67
CA SER A 10 -1.71 9.72 9.77
C SER A 10 -2.31 10.89 10.55
N GLU A 11 -1.46 11.85 10.92
CA GLU A 11 -1.94 13.03 11.66
C GLU A 11 -2.88 13.89 10.81
N GLU A 12 -2.65 13.92 9.49
CA GLU A 12 -3.56 14.62 8.58
C GLU A 12 -4.96 14.02 8.57
N ILE A 13 -5.04 12.69 8.63
CA ILE A 13 -6.31 11.99 8.80
C ILE A 13 -6.95 12.36 10.14
N LYS A 14 -6.16 12.35 11.21
CA LYS A 14 -6.66 12.65 12.55
C LYS A 14 -7.15 14.09 12.71
N GLU A 15 -6.55 15.02 11.96
CA GLU A 15 -7.01 16.42 11.95
C GLU A 15 -8.43 16.58 11.42
N GLU A 16 -8.81 15.74 10.44
CA GLU A 16 -10.18 15.74 9.91
C GLU A 16 -11.23 15.34 10.95
N LEU A 17 -10.80 14.61 11.97
CA LEU A 17 -11.72 14.05 12.97
C LEU A 17 -11.94 14.95 14.20
N VAL A 18 -11.14 16.01 14.33
CA VAL A 18 -11.19 16.85 15.54
C VAL A 18 -12.55 17.52 15.76
N ASN A 19 -13.24 17.87 14.69
CA ASN A 19 -14.53 18.57 14.76
C ASN A 19 -15.72 17.79 14.18
N VAL A 20 -15.56 16.47 14.01
CA VAL A 20 -16.67 15.60 13.63
C VAL A 20 -17.82 15.77 14.65
N PRO A 21 -19.08 15.74 14.20
CA PRO A 21 -20.22 15.93 15.12
C PRO A 21 -20.24 15.03 16.37
N PHE A 22 -20.89 15.52 17.42
CA PHE A 22 -21.13 14.75 18.64
C PHE A 22 -22.58 14.27 18.58
N GLY A 23 -22.75 13.02 18.15
CA GLY A 23 -24.07 12.47 17.83
C GLY A 23 -25.06 12.56 18.97
N SER A 24 -24.59 12.20 20.16
CA SER A 24 -25.38 12.21 21.37
C SER A 24 -24.42 12.03 22.52
N ARG A 25 -24.94 12.17 23.73
CA ARG A 25 -24.16 11.96 24.94
C ARG A 25 -23.55 10.55 25.01
N GLU A 26 -24.33 9.57 24.54
CA GLU A 26 -23.94 8.17 24.55
C GLU A 26 -22.78 7.90 23.61
N GLU A 27 -22.85 8.50 22.42
CA GLU A 27 -21.78 8.40 21.43
C GLU A 27 -20.52 9.15 21.87
N VAL A 28 -20.72 10.26 22.56
CA VAL A 28 -19.61 11.04 23.13
C VAL A 28 -18.87 10.24 24.20
N ILE A 29 -19.63 9.60 25.10
CA ILE A 29 -19.05 8.76 26.14
C ILE A 29 -18.43 7.49 25.54
N SER A 30 -19.05 6.96 24.49
CA SER A 30 -18.52 5.80 23.78
C SER A 30 -17.16 6.12 23.15
N GLU A 31 -17.06 7.29 22.53
CA GLU A 31 -15.77 7.72 21.96
C GLU A 31 -14.72 7.98 23.04
N LEU A 32 -15.15 8.56 24.16
CA LEU A 32 -14.26 8.78 25.31
C LEU A 32 -13.74 7.44 25.85
N LEU A 33 -14.62 6.45 25.93
CA LEU A 33 -14.24 5.11 26.36
C LEU A 33 -13.16 4.54 25.45
N GLY A 34 -13.25 4.83 24.15
CA GLY A 34 -12.21 4.47 23.19
C GLY A 34 -10.86 5.07 23.56
N PHE A 35 -10.86 6.36 23.89
CA PHE A 35 -9.68 7.04 24.43
C PHE A 35 -9.18 6.38 25.71
N ILE A 36 -10.12 6.13 26.63
CA ILE A 36 -9.81 5.51 27.93
C ILE A 36 -9.22 4.11 27.77
N LYS A 37 -9.88 3.27 26.98
CA LYS A 37 -9.41 1.90 26.76
C LYS A 37 -8.03 1.83 26.09
N ALA A 38 -7.82 2.72 25.12
CA ALA A 38 -6.56 2.73 24.36
C ALA A 38 -5.41 3.38 25.13
N ARG A 39 -5.64 4.56 25.68
CA ARG A 39 -4.56 5.37 26.26
C ARG A 39 -4.83 5.94 27.66
N GLY A 40 -5.89 5.47 28.31
CA GLY A 40 -6.25 5.97 29.63
C GLY A 40 -5.72 5.08 30.73
N ASP A 41 -4.97 5.67 31.66
CA ASP A 41 -4.62 5.01 32.90
C ASP A 41 -5.65 5.43 33.94
N LEU A 42 -6.62 4.56 34.18
CA LEU A 42 -7.75 4.88 35.05
C LEU A 42 -7.42 4.59 36.50
N ASP A 43 -7.84 5.50 37.39
CA ASP A 43 -7.68 5.31 38.84
C ASP A 43 -8.95 5.82 39.54
N VAL A 44 -9.91 4.92 39.70
CA VAL A 44 -11.22 5.26 40.27
C VAL A 44 -11.11 5.75 41.72
N LYS A 45 -10.15 5.22 42.46
CA LYS A 45 -9.95 5.57 43.87
C LYS A 45 -9.52 7.03 44.07
N SER A 46 -8.60 7.49 43.22
CA SER A 46 -8.13 8.88 43.27
C SER A 46 -8.92 9.81 42.35
N ARG A 47 -9.91 9.24 41.65
CA ARG A 47 -10.90 10.00 40.88
C ARG A 47 -10.32 10.74 39.67
N HIS A 48 -9.33 10.13 39.00
CA HIS A 48 -8.67 10.73 37.85
CA HIS A 48 -8.77 10.74 37.80
C HIS A 48 -8.44 9.73 36.71
N ILE A 49 -8.29 10.26 35.50
CA ILE A 49 -7.87 9.48 34.35
C ILE A 49 -6.67 10.21 33.75
N VAL A 50 -5.56 9.50 33.59
CA VAL A 50 -4.39 10.03 32.92
C VAL A 50 -4.35 9.51 31.49
N PHE A 51 -4.46 10.43 30.53
CA PHE A 51 -4.35 10.10 29.11
C PHE A 51 -2.95 10.41 28.59
N SER A 52 -2.35 9.46 27.90
CA SER A 52 -1.05 9.65 27.26
C SER A 52 -1.26 9.65 25.74
N LEU A 53 -1.02 10.79 25.09
CA LEU A 53 -1.35 10.96 23.67
C LEU A 53 -0.16 11.50 22.87
N HIS A 54 0.14 10.85 21.76
CA HIS A 54 1.21 11.30 20.87
C HIS A 54 0.69 12.18 19.72
N SER A 55 -0.63 12.36 19.67
CA SER A 55 -1.26 13.16 18.62
C SER A 55 -1.88 14.42 19.20
N PHE A 56 -1.63 15.56 18.55
CA PHE A 56 -2.28 16.82 18.91
C PHE A 56 -3.74 16.85 18.47
N ALA A 57 -4.02 16.23 17.32
CA ALA A 57 -5.41 16.08 16.86
C ALA A 57 -6.22 15.28 17.88
N ALA A 58 -5.65 14.18 18.36
CA ALA A 58 -6.27 13.37 19.41
C ALA A 58 -6.48 14.15 20.70
N SER A 59 -5.49 14.94 21.09
CA SER A 59 -5.56 15.76 22.31
C SER A 59 -6.69 16.78 22.23
N ARG A 60 -6.82 17.42 21.07
CA ARG A 60 -7.87 18.41 20.84
C ARG A 60 -9.27 17.79 20.80
N ARG A 61 -9.38 16.60 20.24
CA ARG A 61 -10.64 15.86 20.25
C ARG A 61 -11.06 15.51 21.67
N LEU A 62 -10.09 15.04 22.47
CA LEU A 62 -10.35 14.70 23.86
C LEU A 62 -10.87 15.90 24.64
N LEU A 63 -10.28 17.07 24.39
CA LEU A 63 -10.72 18.30 25.04
C LEU A 63 -12.13 18.68 24.61
N ASN A 64 -12.44 18.49 23.33
CA ASN A 64 -13.79 18.78 22.82
C ASN A 64 -14.85 17.84 23.40
N LEU A 65 -14.49 16.58 23.62
CA LEU A 65 -15.40 15.62 24.25
C LEU A 65 -15.71 16.00 25.70
N MET A 66 -14.65 16.34 26.44
CA MET A 66 -14.80 16.76 27.83
C MET A 66 -15.59 18.07 27.96
N LYS A 67 -15.47 18.93 26.96
CA LYS A 67 -16.24 20.18 26.89
C LYS A 67 -17.72 19.89 26.63
N TYR A 68 -17.99 18.95 25.71
CA TYR A 68 -19.36 18.53 25.44
C TYR A 68 -20.04 18.03 26.72
N LEU A 69 -19.30 17.27 27.53
CA LEU A 69 -19.81 16.69 28.77
C LEU A 69 -19.75 17.64 29.98
N SER A 70 -19.15 18.82 29.80
CA SER A 70 -18.95 19.79 30.88
C SER A 70 -18.12 19.22 32.03
N LYS A 71 -17.03 18.54 31.68
CA LYS A 71 -16.12 17.96 32.65
C LYS A 71 -14.75 18.65 32.57
N PRO A 72 -14.18 19.04 33.74
CA PRO A 72 -12.91 19.74 33.76
C PRO A 72 -11.70 18.85 33.50
N VAL A 73 -10.75 19.34 32.71
CA VAL A 73 -9.43 18.73 32.62
C VAL A 73 -8.50 19.55 33.51
N SER A 74 -7.77 18.86 34.38
CA SER A 74 -7.00 19.51 35.44
C SER A 74 -5.58 19.89 35.03
N GLU A 75 -4.97 19.11 34.13
CA GLU A 75 -3.59 19.31 33.74
C GLU A 75 -3.30 18.84 32.31
N ILE A 76 -2.46 19.60 31.62
CA ILE A 76 -1.95 19.23 30.30
C ILE A 76 -0.44 19.51 30.27
N ILE A 77 0.37 18.45 30.22
CA ILE A 77 1.82 18.59 30.20
C ILE A 77 2.46 17.69 29.15
N VAL A 78 3.64 18.08 28.69
CA VAL A 78 4.47 17.22 27.86
C VAL A 78 5.44 16.45 28.75
N GLU A 79 5.35 15.12 28.74
CA GLU A 79 6.33 14.29 29.41
C GLU A 79 7.57 14.21 28.53
N LYS A 80 8.70 14.70 29.06
CA LYS A 80 9.90 14.91 28.26
C LYS A 80 10.61 13.61 27.88
N LYS A 85 10.18 12.72 20.18
CA LYS A 85 9.35 11.71 19.53
C LYS A 85 8.66 10.79 20.54
N LYS A 86 9.47 10.21 21.43
CA LYS A 86 8.95 9.37 22.52
C LYS A 86 8.18 10.20 23.55
N ARG A 87 8.53 11.47 23.65
CA ARG A 87 7.77 12.42 24.47
C ARG A 87 6.30 12.45 24.05
N TYR A 88 5.41 12.52 25.02
CA TYR A 88 3.97 12.48 24.75
C TYR A 88 3.20 13.51 25.57
N ILE A 89 1.96 13.74 25.19
CA ILE A 89 1.07 14.66 25.89
C ILE A 89 0.37 13.92 27.03
N LYS A 90 0.47 14.45 28.25
CA LYS A 90 -0.27 13.92 29.39
C LYS A 90 -1.45 14.81 29.75
N ILE A 91 -2.66 14.28 29.55
CA ILE A 91 -3.88 15.00 29.90
C ILE A 91 -4.55 14.31 31.09
N THR A 92 -4.67 15.05 32.19
CA THR A 92 -5.32 14.55 33.40
C THR A 92 -6.72 15.14 33.52
N ALA A 93 -7.71 14.25 33.63
CA ALA A 93 -9.12 14.66 33.72
C ALA A 93 -9.79 13.99 34.90
N GLU A 94 -10.94 14.53 35.29
CA GLU A 94 -11.70 14.02 36.42
C GLU A 94 -12.45 12.76 36.02
N TYR A 95 -12.41 11.75 36.88
CA TYR A 95 -13.14 10.51 36.64
C TYR A 95 -14.61 10.67 37.01
N SER A 96 -15.48 10.13 36.16
CA SER A 96 -16.91 10.06 36.41
C SER A 96 -17.40 8.66 36.09
N GLU A 97 -18.24 8.10 36.95
CA GLU A 97 -18.72 6.71 36.78
C GLU A 97 -19.57 6.56 35.51
N SER A 98 -20.18 7.66 35.08
CA SER A 98 -20.92 7.70 33.81
C SER A 98 -20.07 7.30 32.61
N PHE A 99 -18.76 7.59 32.67
CA PHE A 99 -17.82 7.20 31.60
C PHE A 99 -17.84 5.69 31.32
N MET A 100 -17.97 4.89 32.38
CA MET A 100 -17.83 3.43 32.28
C MET A 100 -19.16 2.68 32.10
N VAL A 101 -20.28 3.41 32.04
CA VAL A 101 -21.60 2.78 31.96
C VAL A 101 -21.98 2.34 30.53
N ILE A 102 -21.34 2.92 29.52
CA ILE A 102 -21.68 2.62 28.13
C ILE A 102 -21.17 1.25 27.65
N GLU A 103 -22.00 0.55 26.88
CA GLU A 103 -21.62 -0.66 26.18
C GLU A 103 -21.37 -0.31 24.71
N PRO A 104 -20.10 -0.13 24.33
CA PRO A 104 -19.77 0.52 23.06
C PRO A 104 -20.03 -0.32 21.81
N PHE A 105 -20.13 -1.64 21.97
CA PHE A 105 -20.30 -2.55 20.83
C PHE A 105 -21.75 -2.77 20.46
N PHE A 106 -22.66 -2.43 21.36
CA PHE A 106 -24.06 -2.85 21.26
C PHE A 106 -24.83 -2.29 20.07
N ASP A 107 -24.19 -1.44 19.30
CA ASP A 107 -24.88 -0.48 18.48
C ASP A 107 -23.87 0.03 17.49
N VAL A 108 -24.25 0.17 16.23
CA VAL A 108 -23.31 0.62 15.20
C VAL A 108 -22.91 2.09 15.39
N ALA A 109 -23.84 2.91 15.88
CA ALA A 109 -23.54 4.31 16.19
C ALA A 109 -22.54 4.40 17.35
N LEU A 110 -22.81 3.68 18.43
CA LEU A 110 -21.90 3.64 19.58
C LEU A 110 -20.55 3.06 19.19
N PHE A 111 -20.56 2.00 18.37
CA PHE A 111 -19.34 1.34 17.95
C PHE A 111 -18.45 2.21 17.06
N VAL A 112 -19.06 2.99 16.17
CA VAL A 112 -18.30 3.88 15.29
C VAL A 112 -17.57 4.97 16.09
N SER A 113 -18.25 5.49 17.11
CA SER A 113 -17.66 6.49 18.00
C SER A 113 -16.52 5.90 18.83
N PHE A 114 -16.72 4.67 19.32
CA PHE A 114 -15.68 3.93 20.04
C PHE A 114 -14.46 3.72 19.15
N LEU A 115 -14.70 3.31 17.90
CA LEU A 115 -13.62 3.14 16.93
C LEU A 115 -12.84 4.43 16.68
N ARG A 116 -13.56 5.54 16.56
CA ARG A 116 -12.93 6.85 16.36
C ARG A 116 -12.01 7.19 17.53
N GLY A 117 -12.48 6.95 18.75
CA GLY A 117 -11.67 7.14 19.95
C GLY A 117 -10.44 6.25 19.99
N LEU A 118 -10.64 4.97 19.69
CA LEU A 118 -9.53 4.00 19.62
C LEU A 118 -8.45 4.42 18.63
N PHE A 119 -8.88 4.86 17.46
CA PHE A 119 -7.99 5.23 16.38
C PHE A 119 -7.24 6.54 16.65
N LEU A 120 -7.96 7.55 17.10
CA LEU A 120 -7.35 8.84 17.40
C LEU A 120 -6.25 8.69 18.47
N SER A 121 -6.58 7.99 19.55
CA SER A 121 -5.70 7.90 20.71
C SER A 121 -4.52 6.95 20.49
N GLY A 122 -4.81 5.72 20.07
CA GLY A 122 -3.78 4.69 19.95
C GLY A 122 -3.58 4.08 18.57
N GLY A 123 -4.30 4.59 17.58
CA GLY A 123 -4.23 4.06 16.23
C GLY A 123 -3.31 4.85 15.31
N SER A 124 -3.03 4.29 14.14
CA SER A 124 -2.29 5.02 13.10
C SER A 124 -2.54 4.41 11.74
N MET A 125 -2.15 5.14 10.71
CA MET A 125 -2.30 4.70 9.34
C MET A 125 -1.10 5.10 8.52
N THR A 126 -0.66 4.15 7.69
CA THR A 126 0.47 4.36 6.81
C THR A 126 0.06 5.14 5.57
N ASN A 127 1.01 5.89 5.02
CA ASN A 127 0.86 6.50 3.71
C ASN A 127 0.66 5.40 2.66
N PRO A 128 -0.52 5.35 2.03
CA PRO A 128 -0.89 4.26 1.10
C PRO A 128 -0.13 4.29 -0.22
N ARG A 129 0.67 5.33 -0.41
CA ARG A 129 1.63 5.36 -1.50
C ARG A 129 2.73 4.34 -1.25
N TYR A 130 2.88 3.93 0.01
CA TYR A 130 3.93 3.01 0.43
C TYR A 130 3.43 1.72 1.06
N HIS A 131 2.32 1.80 1.79
CA HIS A 131 1.78 0.63 2.47
C HIS A 131 0.27 0.70 2.59
N TYR A 132 -0.34 -0.47 2.62
CA TYR A 132 -1.71 -0.59 3.05
C TYR A 132 -1.70 -1.08 4.50
N HIS A 133 -1.87 -0.16 5.43
CA HIS A 133 -1.83 -0.49 6.86
C HIS A 133 -2.55 0.54 7.72
N LEU A 134 -3.55 0.07 8.44
CA LEU A 134 -4.21 0.84 9.48
C LEU A 134 -4.22 -0.02 10.73
N GLU A 135 -3.75 0.54 11.85
CA GLU A 135 -3.61 -0.23 13.07
C GLU A 135 -4.29 0.43 14.27
N ILE A 136 -4.66 -0.39 15.24
CA ILE A 136 -5.14 0.08 16.54
C ILE A 136 -4.41 -0.69 17.64
N ASN A 137 -3.68 0.03 18.48
CA ASN A 137 -2.96 -0.57 19.60
C ASN A 137 -3.85 -0.60 20.84
N LEU A 138 -3.82 -1.73 21.56
CA LEU A 138 -4.66 -1.91 22.75
C LEU A 138 -4.05 -2.93 23.70
N PHE A 139 -4.10 -2.64 25.00
CA PHE A 139 -3.59 -3.58 26.01
C PHE A 139 -4.55 -4.75 26.19
N GLU A 140 -5.75 -4.47 26.71
CA GLU A 140 -6.79 -5.48 26.94
C GLU A 140 -7.02 -6.41 25.74
N GLU A 141 -7.20 -7.71 26.04
CA GLU A 141 -7.36 -8.72 24.99
C GLU A 141 -8.81 -8.90 24.55
N GLU A 142 -9.73 -8.89 25.51
CA GLU A 142 -11.16 -8.97 25.21
C GLU A 142 -11.59 -7.83 24.29
N THR A 143 -11.24 -6.60 24.68
CA THR A 143 -11.58 -5.39 23.92
C THR A 143 -11.18 -5.50 22.44
N LEU A 144 -10.00 -6.03 22.18
CA LEU A 144 -9.47 -6.17 20.82
C LEU A 144 -10.22 -7.23 20.01
N ALA A 145 -10.54 -8.35 20.65
CA ALA A 145 -11.30 -9.42 20.02
C ALA A 145 -12.72 -8.98 19.70
N LEU A 146 -13.38 -8.34 20.68
CA LEU A 146 -14.73 -7.81 20.50
C LEU A 146 -14.78 -6.72 19.42
N THR A 147 -13.76 -5.85 19.40
CA THR A 147 -13.65 -4.83 18.36
C THR A 147 -13.49 -5.44 16.98
N ARG A 148 -12.67 -6.47 16.88
CA ARG A 148 -12.45 -7.20 15.62
C ARG A 148 -13.71 -7.90 15.13
N LYS A 149 -14.51 -8.43 16.06
CA LYS A 149 -15.76 -9.09 15.72
C LYS A 149 -16.82 -8.10 15.22
N SER A 150 -16.90 -6.94 15.87
CA SER A 150 -17.87 -5.91 15.50
C SER A 150 -17.51 -5.25 14.16
N LEU A 151 -16.22 -5.12 13.88
CA LEU A 151 -15.75 -4.63 12.57
C LEU A 151 -16.27 -5.53 11.45
N LYS A 152 -16.28 -6.83 11.70
CA LYS A 152 -16.76 -7.82 10.74
C LYS A 152 -18.29 -7.81 10.63
N ASP A 153 -18.97 -7.89 11.78
CA ASP A 153 -20.44 -7.93 11.80
C ASP A 153 -21.07 -6.70 11.16
N PHE A 154 -20.59 -5.51 11.55
CA PHE A 154 -21.18 -4.25 11.09
C PHE A 154 -20.72 -3.82 9.69
N PHE A 155 -19.42 -3.95 9.42
CA PHE A 155 -18.84 -3.38 8.20
C PHE A 155 -18.18 -4.40 7.26
N ASN A 156 -18.28 -5.69 7.60
CA ASN A 156 -17.60 -6.75 6.84
C ASN A 156 -16.10 -6.48 6.67
N ILE A 157 -15.49 -5.88 7.68
CA ILE A 157 -14.06 -5.58 7.66
C ILE A 157 -13.31 -6.72 8.32
N ASN A 158 -12.39 -7.33 7.57
CA ASN A 158 -11.52 -8.37 8.10
C ASN A 158 -10.25 -7.74 8.64
N ALA A 159 -9.94 -8.03 9.90
CA ALA A 159 -8.75 -7.50 10.55
C ALA A 159 -7.99 -8.61 11.27
N GLY A 160 -6.66 -8.53 11.24
CA GLY A 160 -5.80 -9.47 11.94
C GLY A 160 -5.30 -8.91 13.26
N ILE A 161 -4.60 -9.74 14.03
CA ILE A 161 -4.06 -9.35 15.33
C ILE A 161 -2.56 -9.66 15.41
N ILE A 162 -1.80 -8.77 16.05
CA ILE A 162 -0.35 -8.89 16.16
C ILE A 162 0.10 -8.74 17.62
N GLU A 163 1.05 -9.58 18.03
CA GLU A 163 1.65 -9.53 19.38
C GLU A 163 2.91 -8.67 19.41
N LEU A 164 3.04 -7.85 20.46
CA LEU A 164 4.23 -7.01 20.65
C LEU A 164 4.77 -7.01 22.09
N ARG A 165 4.25 -7.88 22.94
CA ARG A 165 4.69 -8.01 24.34
C ARG A 165 4.22 -6.83 25.19
N ASN A 166 4.70 -5.63 24.88
CA ASN A 166 4.23 -4.41 25.53
C ASN A 166 2.75 -4.15 25.23
N THR A 167 2.33 -4.49 24.02
CA THR A 167 0.93 -4.35 23.61
C THR A 167 0.59 -5.26 22.43
N ARG A 168 -0.69 -5.27 22.05
CA ARG A 168 -1.16 -6.00 20.87
C ARG A 168 -1.73 -5.01 19.85
N LYS A 169 -1.67 -5.39 18.58
CA LYS A 169 -2.14 -4.55 17.48
C LYS A 169 -3.26 -5.22 16.68
N LEU A 170 -4.32 -4.47 16.43
CA LEU A 170 -5.34 -4.87 15.46
C LEU A 170 -5.01 -4.14 14.17
N TYR A 171 -5.01 -4.84 13.04
CA TYR A 171 -4.63 -4.23 11.76
C TYR A 171 -5.54 -4.58 10.58
N ILE A 172 -5.69 -3.61 9.68
CA ILE A 172 -6.43 -3.78 8.43
C ILE A 172 -5.46 -3.53 7.28
N LYS A 173 -5.38 -4.50 6.36
CA LYS A 173 -4.45 -4.42 5.23
C LYS A 173 -5.14 -4.23 3.87
N SER A 174 -6.44 -4.53 3.79
CA SER A 174 -7.21 -4.27 2.59
C SER A 174 -7.48 -2.77 2.46
N ILE A 175 -7.09 -2.18 1.33
CA ILE A 175 -7.32 -0.76 1.09
C ILE A 175 -8.82 -0.45 0.97
N LYS A 176 -9.59 -1.43 0.54
CA LYS A 176 -11.05 -1.33 0.54
C LYS A 176 -11.59 -1.17 1.95
N ASP A 177 -11.20 -2.09 2.84
CA ASP A 177 -11.64 -2.07 4.23
C ASP A 177 -11.17 -0.82 4.98
N ILE A 178 -9.98 -0.34 4.64
CA ILE A 178 -9.43 0.87 5.23
C ILE A 178 -10.29 2.10 4.92
N LEU A 179 -10.71 2.22 3.66
CA LEU A 179 -11.57 3.33 3.23
C LEU A 179 -12.94 3.28 3.92
N VAL A 180 -13.50 2.09 4.06
CA VAL A 180 -14.77 1.88 4.77
C VAL A 180 -14.63 2.32 6.22
N PHE A 181 -13.54 1.88 6.85
CA PHE A 181 -13.23 2.23 8.23
C PHE A 181 -13.11 3.74 8.40
N LEU A 182 -12.32 4.37 7.53
CA LEU A 182 -12.07 5.80 7.61
C LEU A 182 -13.34 6.63 7.39
N GLU A 183 -14.14 6.23 6.39
CA GLU A 183 -15.39 6.93 6.11
C GLU A 183 -16.41 6.74 7.24
N ALA A 184 -16.46 5.54 7.80
CA ALA A 184 -17.35 5.24 8.93
C ALA A 184 -17.09 6.19 10.10
N ILE A 185 -15.82 6.44 10.42
CA ILE A 185 -15.45 7.30 11.55
C ILE A 185 -15.44 8.82 11.21
N GLY A 186 -15.70 9.16 9.95
CA GLY A 186 -15.96 10.56 9.57
C GLY A 186 -14.90 11.27 8.75
N VAL A 187 -13.93 10.53 8.21
CA VAL A 187 -12.96 11.11 7.28
C VAL A 187 -13.67 11.41 5.96
N GLN A 188 -13.33 12.53 5.34
CA GLN A 188 -14.01 12.96 4.10
C GLN A 188 -13.04 13.36 2.98
N ARG A 189 -12.29 14.44 3.18
CA ARG A 189 -11.40 14.96 2.13
C ARG A 189 -10.36 13.93 1.70
N LYS A 190 -9.79 13.23 2.68
CA LYS A 190 -8.67 12.33 2.41
C LYS A 190 -9.07 11.03 1.70
N LEU A 191 -10.37 10.72 1.68
CA LEU A 191 -10.84 9.54 0.95
C LEU A 191 -10.62 9.70 -0.56
N GLU A 192 -10.70 10.94 -1.03
CA GLU A 192 -10.49 11.25 -2.45
C GLU A 192 -9.01 11.11 -2.85
N GLU A 193 -8.13 11.55 -1.96
CA GLU A 193 -6.68 11.47 -2.19
C GLU A 193 -6.21 10.01 -2.24
N ILE A 194 -6.75 9.20 -1.35
CA ILE A 194 -6.42 7.78 -1.28
C ILE A 194 -6.85 7.04 -2.56
N ASP A 195 -8.02 7.40 -3.10
CA ASP A 195 -8.55 6.80 -4.32
CA ASP A 195 -8.51 6.74 -4.30
C ASP A 195 -7.74 7.18 -5.55
N ARG A 196 -7.28 8.44 -5.57
CA ARG A 196 -6.46 8.93 -6.68
C ARG A 196 -5.11 8.20 -6.69
N ILE A 197 -4.60 7.87 -5.51
CA ILE A 197 -3.38 7.08 -5.37
C ILE A 197 -3.61 5.62 -5.79
N VAL A 198 -4.70 5.03 -5.30
CA VAL A 198 -5.05 3.64 -5.61
C VAL A 198 -5.35 3.46 -7.10
N THR A 199 -6.20 4.33 -7.64
CA THR A 199 -6.59 4.28 -9.06
C THR A 199 -5.39 4.53 -10.00
N GLU A 200 -4.40 5.29 -9.55
CA GLU A 200 -3.22 5.61 -10.35
C GLU A 200 -2.17 4.50 -10.39
N ARG A 201 -2.21 3.60 -9.40
CA ARG A 201 -1.33 2.43 -9.39
C ARG A 201 -1.85 1.33 -10.32
N LYS A 202 -3.12 1.44 -10.70
CA LYS A 202 -3.79 0.40 -11.47
C LYS A 202 -3.60 0.54 -12.98
N VAL A 203 -3.62 -0.60 -13.66
CA VAL A 203 -3.65 -0.67 -15.12
C VAL A 203 -4.55 -1.85 -15.49
N ILE A 204 -5.62 -1.56 -16.23
CA ILE A 204 -6.72 -2.52 -16.39
C ILE A 204 -6.83 -3.16 -17.78
N GLY A 205 -6.74 -4.49 -17.79
CA GLY A 205 -7.40 -5.30 -18.82
C GLY A 205 -6.74 -5.62 -20.15
N ASP A 206 -7.32 -5.05 -21.20
CA ASP A 206 -7.39 -5.66 -22.55
C ASP A 206 -6.50 -6.88 -22.83
N VAL A 207 -7.15 -8.05 -22.84
CA VAL A 207 -6.52 -9.30 -23.24
C VAL A 207 -6.17 -9.31 -24.73
N ASN A 208 -6.97 -8.61 -25.53
CA ASN A 208 -6.69 -8.45 -26.96
C ASN A 208 -5.47 -7.56 -27.22
N ARG A 209 -5.29 -6.55 -26.37
CA ARG A 209 -4.10 -5.69 -26.45
C ARG A 209 -2.83 -6.47 -26.09
N THR A 210 -2.94 -7.34 -25.08
CA THR A 210 -1.84 -8.23 -24.70
C THR A 210 -1.49 -9.18 -25.85
N VAL A 211 -2.50 -9.82 -26.43
CA VAL A 211 -2.29 -10.70 -27.58
C VAL A 211 -1.69 -9.95 -28.77
N ASN A 212 -2.19 -8.75 -29.03
CA ASN A 212 -1.65 -7.89 -30.09
C ASN A 212 -0.17 -7.59 -29.88
N PHE A 213 0.19 -7.26 -28.64
CA PHE A 213 1.57 -6.94 -28.29
C PHE A 213 2.49 -8.13 -28.50
N ILE A 214 2.05 -9.29 -28.05
CA ILE A 214 2.83 -10.52 -28.17
C ILE A 214 3.02 -10.90 -29.64
N GLU A 215 1.95 -10.77 -30.44
CA GLU A 215 2.04 -11.04 -31.87
C GLU A 215 3.03 -10.10 -32.55
N ALA A 216 2.93 -8.81 -32.24
CA ALA A 216 3.81 -7.80 -32.83
C ALA A 216 5.28 -8.12 -32.61
N ASN A 217 5.63 -8.50 -31.39
CA ASN A 217 7.00 -8.88 -31.06
C ASN A 217 7.44 -10.15 -31.80
N ALA A 218 6.53 -11.12 -31.94
CA ALA A 218 6.82 -12.37 -32.66
C ALA A 218 6.97 -12.13 -34.16
N ILE A 219 6.18 -11.20 -34.70
CA ILE A 219 6.27 -10.82 -36.12
C ILE A 219 7.59 -10.09 -36.40
N ARG A 220 7.99 -9.18 -35.51
CA ARG A 220 9.28 -8.51 -35.61
C ARG A 220 10.44 -9.51 -35.64
N THR A 221 10.44 -10.42 -34.67
CA THR A 221 11.48 -11.44 -34.53
C THR A 221 11.55 -12.36 -35.75
N ALA A 222 10.39 -12.78 -36.25
CA ALA A 222 10.31 -13.66 -37.43
C ALA A 222 10.81 -12.97 -38.69
N ASN A 223 10.39 -11.71 -38.89
CA ASN A 223 10.83 -10.92 -40.04
C ASN A 223 12.34 -10.66 -40.03
N SER A 224 12.89 -10.40 -38.85
CA SER A 224 14.33 -10.22 -38.67
C SER A 224 15.10 -11.49 -39.04
N THR A 225 14.69 -12.60 -38.43
CA THR A 225 15.33 -13.90 -38.68
C THR A 225 15.31 -14.27 -40.16
N ALA A 226 14.17 -14.04 -40.82
CA ALA A 226 14.03 -14.31 -42.26
C ALA A 226 15.00 -13.44 -43.07
N ARG A 227 15.16 -12.21 -42.61
CA ARG A 227 16.02 -11.22 -43.24
C ARG A 227 17.50 -11.57 -43.05
N GLN A 228 17.82 -12.18 -41.92
CA GLN A 228 19.17 -12.66 -41.65
C GLN A 228 19.49 -13.82 -42.58
N ILE A 229 18.59 -14.80 -42.60
CA ILE A 229 18.74 -15.98 -43.44
C ILE A 229 18.90 -15.57 -44.90
N ARG A 230 18.00 -14.71 -45.39
CA ARG A 230 18.04 -14.22 -46.77
C ARG A 230 19.38 -13.54 -47.11
N ALA A 231 19.86 -12.69 -46.19
CA ALA A 231 21.15 -12.00 -46.38
C ALA A 231 22.31 -12.99 -46.47
N ILE A 232 22.30 -14.00 -45.62
CA ILE A 232 23.33 -15.05 -45.62
C ILE A 232 23.30 -15.87 -46.91
N GLU A 233 22.09 -16.15 -47.41
CA GLU A 233 21.91 -16.93 -48.63
C GLU A 233 22.46 -16.19 -49.85
N LEU A 234 22.19 -14.90 -49.93
CA LEU A 234 22.68 -14.06 -51.03
C LEU A 234 24.20 -14.03 -51.07
N ILE A 235 24.82 -13.84 -49.90
CA ILE A 235 26.27 -13.80 -49.78
C ILE A 235 26.89 -15.15 -50.16
N LYS A 236 26.26 -16.22 -49.69
CA LYS A 236 26.71 -17.58 -50.01
C LYS A 236 26.68 -17.81 -51.51
N GLU A 237 25.60 -17.39 -52.14
CA GLU A 237 25.43 -17.54 -53.58
C GLU A 237 26.43 -16.71 -54.39
N ASN A 238 26.64 -15.46 -53.97
CA ASN A 238 27.35 -14.46 -54.79
C ASN A 238 28.85 -14.30 -54.52
N MET A 239 29.28 -14.45 -53.26
CA MET A 239 30.71 -14.34 -52.91
C MET A 239 31.26 -15.50 -52.07
N GLY A 240 30.39 -16.27 -51.44
CA GLY A 240 30.80 -17.36 -50.56
C GLY A 240 31.04 -16.86 -49.14
N LEU A 241 30.54 -17.61 -48.18
CA LEU A 241 30.67 -17.27 -46.75
C LEU A 241 32.11 -17.38 -46.28
N GLU A 242 32.87 -18.29 -46.91
CA GLU A 242 34.29 -18.42 -46.63
C GLU A 242 35.06 -17.13 -46.91
N ASN A 243 34.47 -16.24 -47.70
CA ASN A 243 35.10 -14.97 -48.07
C ASN A 243 34.57 -13.78 -47.27
N LEU A 244 33.88 -14.07 -46.16
CA LEU A 244 33.55 -13.04 -45.17
C LEU A 244 34.70 -12.94 -44.17
N PRO A 245 34.82 -11.79 -43.48
CA PRO A 245 35.72 -11.73 -42.32
C PRO A 245 35.41 -12.86 -41.34
N GLU A 246 36.46 -13.48 -40.80
CA GLU A 246 36.33 -14.68 -39.97
C GLU A 246 35.16 -14.64 -38.99
N ASP A 247 35.01 -13.52 -38.27
CA ASP A 247 33.99 -13.41 -37.22
C ASP A 247 32.57 -13.33 -37.78
N LEU A 248 32.40 -12.73 -38.96
CA LEU A 248 31.11 -12.72 -39.64
C LEU A 248 30.81 -14.08 -40.27
N ARG A 249 31.85 -14.79 -40.67
CA ARG A 249 31.68 -16.11 -41.31
C ARG A 249 31.07 -17.13 -40.36
N ARG A 250 31.57 -17.17 -39.12
CA ARG A 250 31.07 -18.09 -38.12
C ARG A 250 29.62 -17.78 -37.73
N VAL A 251 29.29 -16.50 -37.67
CA VAL A 251 27.95 -16.04 -37.34
C VAL A 251 26.94 -16.39 -38.44
N ALA A 252 27.37 -16.26 -39.69
CA ALA A 252 26.55 -16.63 -40.85
C ALA A 252 26.25 -18.13 -40.87
N LEU A 253 27.28 -18.93 -40.60
CA LEU A 253 27.13 -20.39 -40.55
C LEU A 253 26.20 -20.85 -39.42
N VAL A 254 26.41 -20.32 -38.22
CA VAL A 254 25.60 -20.69 -37.06
C VAL A 254 24.12 -20.34 -37.23
N ARG A 255 23.85 -19.16 -37.80
CA ARG A 255 22.47 -18.77 -38.12
C ARG A 255 21.85 -19.73 -39.15
N LEU A 256 22.60 -20.04 -40.20
CA LEU A 256 22.10 -20.86 -41.30
C LEU A 256 21.86 -22.30 -40.86
N ARG A 257 22.70 -22.79 -39.96
CA ARG A 257 22.58 -24.15 -39.43
C ARG A 257 21.58 -24.25 -38.29
N ASN A 258 21.26 -23.11 -37.66
CA ASN A 258 20.31 -23.06 -36.55
C ASN A 258 19.31 -21.93 -36.75
N LYS A 259 18.34 -22.15 -37.64
CA LYS A 259 17.47 -21.05 -38.09
C LYS A 259 16.31 -20.72 -37.15
N GLU A 260 16.05 -21.58 -36.18
CA GLU A 260 14.92 -21.39 -35.27
C GLU A 260 15.35 -20.90 -33.88
N LEU A 261 16.65 -20.72 -33.67
CA LEU A 261 17.15 -20.25 -32.38
C LEU A 261 17.05 -18.75 -32.23
N SER A 262 16.85 -18.30 -31.00
CA SER A 262 16.91 -16.89 -30.68
C SER A 262 18.35 -16.39 -30.81
N LEU A 263 18.51 -15.08 -30.95
CA LEU A 263 19.84 -14.48 -31.05
C LEU A 263 20.70 -14.79 -29.81
N ARG A 264 20.05 -14.80 -28.64
CA ARG A 264 20.71 -15.18 -27.38
C ARG A 264 21.34 -16.56 -27.48
N GLU A 265 20.56 -17.53 -27.98
CA GLU A 265 21.00 -18.91 -28.07
C GLU A 265 22.04 -19.11 -29.17
N LEU A 266 21.88 -18.41 -30.29
CA LEU A 266 22.92 -18.37 -31.32
C LEU A 266 24.23 -17.83 -30.77
N GLY A 267 24.13 -16.79 -29.94
CA GLY A 267 25.30 -16.18 -29.32
C GLY A 267 26.06 -17.14 -28.42
N LYS A 268 25.32 -17.90 -27.61
CA LYS A 268 25.91 -18.89 -26.71
C LYS A 268 26.83 -19.86 -27.46
N LYS A 269 26.44 -20.21 -28.68
CA LYS A 269 27.22 -21.13 -29.51
C LYS A 269 28.57 -20.60 -29.98
N LEU A 270 28.77 -19.27 -29.90
CA LEU A 270 30.04 -18.65 -30.28
C LEU A 270 30.66 -17.81 -29.15
N ASN A 271 30.24 -18.06 -27.90
CA ASN A 271 30.66 -17.24 -26.75
C ASN A 271 30.44 -15.73 -26.99
N LEU A 272 29.33 -15.39 -27.63
CA LEU A 272 28.95 -14.01 -27.89
C LEU A 272 27.65 -13.69 -27.17
N THR A 273 27.49 -12.44 -26.74
CA THR A 273 26.22 -11.98 -26.18
C THR A 273 25.22 -11.73 -27.31
N LYS A 274 23.95 -11.60 -26.94
CA LYS A 274 22.88 -11.32 -27.90
C LYS A 274 23.13 -10.06 -28.73
N SER A 275 23.62 -9.00 -28.07
CA SER A 275 23.90 -7.73 -28.75
C SER A 275 25.08 -7.85 -29.72
N GLN A 276 26.11 -8.59 -29.31
CA GLN A 276 27.29 -8.82 -30.14
C GLN A 276 26.96 -9.59 -31.40
N ILE A 277 26.18 -10.67 -31.26
CA ILE A 277 25.82 -11.47 -32.42
C ILE A 277 24.85 -10.69 -33.31
N TYR A 278 24.09 -9.79 -32.69
CA TYR A 278 23.14 -8.97 -33.41
C TYR A 278 23.83 -7.89 -34.25
N SER A 279 24.88 -7.27 -33.72
CA SER A 279 25.65 -6.27 -34.44
CA SER A 279 25.65 -6.26 -34.45
C SER A 279 26.31 -6.90 -35.67
N LYS A 280 26.79 -8.12 -35.51
CA LYS A 280 27.43 -8.85 -36.59
C LYS A 280 26.46 -9.24 -37.69
N LEU A 281 25.25 -9.64 -37.28
CA LEU A 281 24.19 -9.93 -38.23
C LEU A 281 23.78 -8.68 -39.03
N LYS A 282 23.79 -7.52 -38.37
CA LYS A 282 23.49 -6.25 -39.05
C LYS A 282 24.53 -5.93 -40.13
N ARG A 283 25.80 -6.19 -39.83
CA ARG A 283 26.88 -6.04 -40.80
C ARG A 283 26.70 -6.98 -41.99
N ILE A 284 26.33 -8.22 -41.71
CA ILE A 284 26.09 -9.23 -42.75
C ILE A 284 24.97 -8.78 -43.68
N ILE A 285 23.89 -8.27 -43.10
CA ILE A 285 22.77 -7.73 -43.88
C ILE A 285 23.20 -6.53 -44.73
N LYS A 286 24.01 -5.65 -44.15
CA LYS A 286 24.58 -4.50 -44.87
C LYS A 286 25.41 -4.97 -46.09
N ILE A 287 26.21 -6.02 -45.90
CA ILE A 287 26.99 -6.59 -46.99
C ILE A 287 26.11 -7.22 -48.08
N ALA A 288 25.01 -7.86 -47.68
CA ALA A 288 24.12 -8.54 -48.62
C ALA A 288 23.26 -7.61 -49.48
N GLU A 289 23.22 -6.31 -49.16
CA GLU A 289 22.48 -5.32 -49.96
C GLU A 289 23.08 -5.16 -51.36
N ARG A 290 24.40 -5.37 -51.44
CA ARG A 290 25.13 -5.59 -52.69
C ARG A 290 24.36 -6.41 -53.71
N PHE A 291 23.87 -7.57 -53.26
CA PHE A 291 23.46 -8.65 -54.15
C PHE A 291 21.94 -8.77 -54.37
N GLY A 292 21.15 -8.20 -53.46
CA GLY A 292 19.71 -8.30 -53.56
C GLY A 292 18.95 -7.66 -52.41
N ASP A 293 17.63 -7.77 -52.47
CA ASP A 293 16.74 -7.18 -51.48
C ASP A 293 16.81 -7.95 -50.17
N VAL A 294 17.15 -7.26 -49.08
CA VAL A 294 17.25 -7.88 -47.75
C VAL A 294 16.89 -6.89 -46.65
C1 GOL B . 2.41 13.25 13.91
O1 GOL B . 2.94 12.90 15.17
C2 GOL B . 3.28 14.33 13.28
O2 GOL B . 3.11 14.33 11.88
C3 GOL B . 2.92 15.71 13.86
O3 GOL B . 2.25 16.50 12.91
C1 GOL C . -18.00 16.04 37.66
O1 GOL C . -16.76 16.01 36.99
C2 GOL C . -18.94 17.07 37.05
O2 GOL C . -19.96 17.40 37.98
C3 GOL C . -18.19 18.35 36.66
O3 GOL C . -17.42 18.88 37.73
NA NA D . 26.04 -25.00 -35.35
#